data_7ZOH
#
_entry.id   7ZOH
#
_cell.length_a   34.041
_cell.length_b   59.064
_cell.length_c   68.032
_cell.angle_alpha   90.978
_cell.angle_beta   92.548
_cell.angle_gamma   105.635
#
_symmetry.space_group_name_H-M   'P 1'
#
loop_
_entity.id
_entity.type
_entity.pdbx_description
1 polymer 'Glycoside hydrolase family 18'
2 water water
#
_entity_poly.entity_id   1
_entity_poly.type   'polypeptide(L)'
_entity_poly.pdbx_seq_one_letter_code
;MASMTGGQQMGRGSKTIWLQGFNSKYVNSRNGQGAMWCDSDTPQAWELFTVIDAGNGKIALRGNNGLYVSSENGEQAMTC
NRPAI(SNN)GWEVFDWISNSDGSVSLRGSNGMYVSSENGEQAITCNRPAIDGWERFNWAAATLEHHHHHH
;
_entity_poly.pdbx_strand_id   A,B,C,D
#
# COMPACT_ATOMS: atom_id res chain seq x y z
N LYS A 15 9.85 -7.35 21.86
CA LYS A 15 9.99 -6.20 20.98
C LYS A 15 8.66 -5.82 20.32
N THR A 16 7.60 -6.58 20.58
CA THR A 16 6.27 -6.24 20.10
C THR A 16 5.44 -5.70 21.26
N ILE A 17 4.79 -4.56 21.05
CA ILE A 17 4.10 -3.85 22.13
C ILE A 17 2.71 -3.42 21.67
N TRP A 18 1.88 -3.09 22.65
CA TRP A 18 0.70 -2.30 22.41
C TRP A 18 0.81 -1.01 23.23
N LEU A 19 -0.03 -0.04 22.87
CA LEU A 19 -0.07 1.24 23.55
C LEU A 19 -1.52 1.53 23.93
N GLN A 20 -1.75 1.72 25.22
CA GLN A 20 -3.10 1.98 25.74
C GLN A 20 -3.19 3.45 26.10
N GLY A 21 -4.12 4.16 25.48
CA GLY A 21 -4.26 5.58 25.65
C GLY A 21 -5.09 5.99 26.85
N PHE A 22 -5.28 7.31 26.94
CA PHE A 22 -5.97 7.93 28.06
C PHE A 22 -7.40 7.43 28.21
N ASN A 23 -8.07 7.11 27.11
CA ASN A 23 -9.45 6.65 27.11
C ASN A 23 -9.58 5.15 27.40
N SER A 24 -8.48 4.50 27.81
CA SER A 24 -8.35 3.06 28.03
C SER A 24 -8.43 2.25 26.76
N LYS A 25 -8.52 2.88 25.59
CA LYS A 25 -8.48 2.16 24.33
C LYS A 25 -7.03 2.02 23.86
N TYR A 26 -6.85 1.19 22.83
CA TYR A 26 -5.54 0.85 22.32
C TYR A 26 -5.29 1.50 20.96
N VAL A 27 -4.05 1.94 20.77
CA VAL A 27 -3.62 2.53 19.50
C VAL A 27 -3.73 1.51 18.39
N ASN A 28 -4.37 1.93 17.29
CA ASN A 28 -4.80 1.08 16.19
C ASN A 28 -4.16 1.62 14.92
N SER A 29 -3.36 0.78 14.23
CA SER A 29 -2.77 1.16 12.95
C SER A 29 -3.80 1.44 11.87
N ARG A 30 -5.02 0.94 12.02
CA ARG A 30 -6.05 0.99 10.99
C ARG A 30 -5.61 0.32 9.69
N ASN A 31 -4.64 -0.60 9.77
CA ASN A 31 -4.11 -1.30 8.61
C ASN A 31 -3.61 -0.34 7.53
N GLY A 32 -3.15 0.84 7.94
CA GLY A 32 -2.66 1.82 6.99
C GLY A 32 -3.70 2.48 6.13
N GLN A 33 -4.98 2.24 6.38
CA GLN A 33 -6.07 2.84 5.61
C GLN A 33 -6.58 4.05 6.38
N GLY A 34 -6.14 5.22 5.99
CA GLY A 34 -6.41 6.38 6.80
C GLY A 34 -5.42 6.51 7.94
N ALA A 35 -5.77 7.40 8.87
CA ALA A 35 -4.88 7.73 9.98
C ALA A 35 -5.05 6.74 11.11
N MET A 36 -4.09 6.76 12.04
CA MET A 36 -4.16 5.92 13.24
C MET A 36 -5.14 6.53 14.25
N TRP A 37 -5.79 5.65 15.02
CA TRP A 37 -6.75 6.08 16.05
C TRP A 37 -6.50 5.31 17.33
N CYS A 38 -6.84 5.91 18.46
CA CYS A 38 -6.76 5.21 19.74
C CYS A 38 -8.20 4.83 20.09
N ASP A 39 -8.68 3.76 19.44
CA ASP A 39 -10.10 3.43 19.46
C ASP A 39 -10.41 1.95 19.67
N SER A 40 -9.42 1.10 19.90
CA SER A 40 -9.67 -0.34 19.98
C SER A 40 -9.88 -0.77 21.42
N ASP A 41 -10.88 -1.63 21.63
CA ASP A 41 -11.22 -2.03 22.99
C ASP A 41 -10.23 -3.03 23.58
N THR A 42 -9.62 -3.86 22.75
CA THR A 42 -8.63 -4.84 23.17
C THR A 42 -7.46 -4.81 22.19
N PRO A 43 -6.29 -5.27 22.61
CA PRO A 43 -5.17 -5.27 21.66
C PRO A 43 -5.12 -6.54 20.81
N GLN A 44 -5.50 -6.42 19.54
CA GLN A 44 -5.31 -7.50 18.59
C GLN A 44 -4.31 -7.08 17.52
N ALA A 45 -4.42 -7.64 16.32
CA ALA A 45 -3.30 -7.60 15.37
C ALA A 45 -2.96 -6.16 14.99
N TRP A 46 -3.96 -5.34 14.75
CA TRP A 46 -3.68 -3.97 14.32
C TRP A 46 -3.20 -3.09 15.45
N GLU A 47 -3.28 -3.56 16.69
CA GLU A 47 -2.83 -2.81 17.86
C GLU A 47 -1.43 -3.20 18.29
N LEU A 48 -0.77 -4.10 17.57
CA LEU A 48 0.57 -4.55 17.92
C LEU A 48 1.60 -3.89 17.01
N PHE A 49 2.68 -3.41 17.62
CA PHE A 49 3.74 -2.72 16.89
C PHE A 49 5.09 -3.28 17.29
N THR A 50 5.96 -3.50 16.29
CA THR A 50 7.31 -3.95 16.54
C THR A 50 8.18 -2.72 16.81
N VAL A 51 8.79 -2.68 17.98
CA VAL A 51 9.66 -1.55 18.34
C VAL A 51 11.00 -1.78 17.65
N ILE A 52 11.44 -0.79 16.87
CA ILE A 52 12.64 -0.88 16.05
C ILE A 52 13.66 0.09 16.62
N ASP A 53 14.82 -0.42 17.03
CA ASP A 53 15.92 0.46 17.43
C ASP A 53 16.47 1.14 16.19
N ALA A 54 16.34 2.47 16.11
CA ALA A 54 16.73 3.21 14.92
C ALA A 54 18.05 3.95 15.09
N GLY A 55 18.75 3.73 16.19
CA GLY A 55 20.00 4.41 16.46
C GLY A 55 19.79 5.77 17.10
N ASN A 56 20.88 6.30 17.65
CA ASN A 56 20.88 7.63 18.28
C ASN A 56 19.82 7.73 19.38
N GLY A 57 19.52 6.61 20.04
CA GLY A 57 18.50 6.58 21.06
C GLY A 57 17.08 6.81 20.56
N LYS A 58 16.82 6.55 19.28
CA LYS A 58 15.49 6.70 18.71
C LYS A 58 14.89 5.34 18.43
N ILE A 59 13.55 5.31 18.35
CA ILE A 59 12.85 4.09 17.96
C ILE A 59 11.93 4.41 16.80
N ALA A 60 11.60 3.37 16.05
CA ALA A 60 10.53 3.39 15.08
C ALA A 60 9.53 2.29 15.44
N LEU A 61 8.37 2.34 14.80
CA LEU A 61 7.30 1.39 15.08
C LEU A 61 6.81 0.82 13.76
N ARG A 62 6.89 -0.51 13.60
CA ARG A 62 6.39 -1.17 12.41
C ARG A 62 5.07 -1.83 12.76
N GLY A 63 4.02 -1.49 12.03
CA GLY A 63 2.68 -1.99 12.29
C GLY A 63 2.40 -3.33 11.64
N ASN A 64 1.14 -3.76 11.79
CA ASN A 64 0.70 -5.08 11.32
C ASN A 64 0.91 -5.26 9.83
N ASN A 65 0.89 -4.18 9.07
CA ASN A 65 0.97 -4.22 7.62
C ASN A 65 2.41 -4.13 7.13
N GLY A 66 3.39 -4.18 8.04
CA GLY A 66 4.78 -4.07 7.65
C GLY A 66 5.23 -2.67 7.31
N LEU A 67 4.39 -1.66 7.53
CA LEU A 67 4.74 -0.27 7.25
C LEU A 67 4.99 0.46 8.59
N TYR A 68 5.43 1.71 8.50
CA TYR A 68 6.04 2.39 9.64
C TYR A 68 5.22 3.60 10.06
N VAL A 69 5.13 3.75 11.38
CA VAL A 69 4.39 4.88 11.97
C VAL A 69 5.11 6.18 11.67
N SER A 70 4.35 7.18 11.23
CA SER A 70 4.91 8.50 10.95
C SER A 70 4.22 9.60 11.75
N SER A 71 5.04 10.55 12.24
CA SER A 71 4.51 11.76 12.87
C SER A 71 3.80 12.68 11.86
N GLU A 72 4.05 12.49 10.57
CA GLU A 72 3.62 13.41 9.52
C GLU A 72 4.03 14.84 9.84
N ASN A 73 5.08 14.98 10.66
CA ASN A 73 5.62 16.27 11.09
C ASN A 73 4.55 17.17 11.71
N GLY A 74 3.49 16.57 12.27
CA GLY A 74 2.44 17.36 12.88
C GLY A 74 1.54 18.13 11.94
N GLU A 75 1.66 17.93 10.62
CA GLU A 75 0.87 18.68 9.66
C GLU A 75 -0.50 18.06 9.40
N GLN A 76 -0.66 16.80 9.81
CA GLN A 76 -1.88 16.02 9.65
C GLN A 76 -1.78 14.87 10.64
N ALA A 77 -2.86 14.10 10.76
CA ALA A 77 -2.87 13.02 11.74
C ALA A 77 -1.84 11.96 11.41
N MET A 78 -1.39 11.26 12.46
CA MET A 78 -0.37 10.23 12.30
C MET A 78 -0.89 9.05 11.50
N THR A 79 0.04 8.36 10.86
CA THR A 79 -0.29 7.29 9.92
C THR A 79 0.65 6.11 10.14
N CYS A 80 0.21 4.95 9.65
CA CYS A 80 1.09 3.80 9.57
C CYS A 80 1.05 3.26 8.13
N ASN A 81 1.62 4.03 7.18
CA ASN A 81 1.69 3.53 5.82
C ASN A 81 2.96 3.99 5.10
N ARG A 82 3.97 4.43 5.81
CA ARG A 82 5.25 4.70 5.16
C ARG A 82 5.97 3.39 4.87
N PRO A 83 6.53 3.22 3.67
CA PRO A 83 7.21 1.94 3.37
C PRO A 83 8.61 1.83 3.95
N ALA A 84 9.17 2.91 4.47
CA ALA A 84 10.54 2.89 4.99
C ALA A 84 10.69 3.95 6.04
N ILE A 85 11.68 3.75 6.91
CA ILE A 85 11.97 4.69 7.96
C ILE A 85 12.80 5.83 7.41
CA GLY A 87 12.89 11.47 8.99
C GLY A 87 11.76 11.74 9.97
N TRP A 88 10.55 11.37 9.62
CA TRP A 88 9.40 11.55 10.49
C TRP A 88 8.97 10.27 11.16
N GLU A 89 9.74 9.20 10.99
CA GLU A 89 9.38 7.88 11.48
C GLU A 89 10.19 7.46 12.71
N VAL A 90 10.94 8.38 13.31
CA VAL A 90 11.74 8.05 14.49
C VAL A 90 11.29 8.91 15.67
N PHE A 91 11.30 8.31 16.85
CA PHE A 91 10.71 8.92 18.03
C PHE A 91 11.65 8.73 19.21
N ASP A 92 11.62 9.70 20.13
CA ASP A 92 12.21 9.50 21.44
C ASP A 92 11.21 8.77 22.34
N TRP A 93 11.67 7.71 22.98
CA TRP A 93 10.87 6.96 23.96
C TRP A 93 11.09 7.60 25.32
N ILE A 94 10.04 8.18 25.88
CA ILE A 94 10.12 8.91 27.15
C ILE A 94 9.48 8.05 28.24
N SER A 95 10.28 7.62 29.20
CA SER A 95 9.79 6.87 30.35
C SER A 95 9.29 7.85 31.40
N ASN A 96 8.01 7.78 31.73
CA ASN A 96 7.42 8.68 32.70
C ASN A 96 7.50 8.05 34.11
N SER A 97 7.26 8.90 35.11
CA SER A 97 7.45 8.49 36.50
C SER A 97 6.52 7.34 36.88
N ASP A 98 5.29 7.35 36.36
CA ASP A 98 4.30 6.35 36.71
C ASP A 98 4.44 5.05 35.92
N GLY A 99 5.50 4.90 35.12
CA GLY A 99 5.66 3.72 34.29
C GLY A 99 4.98 3.81 32.93
N SER A 100 4.34 4.94 32.62
CA SER A 100 3.80 5.16 31.29
C SER A 100 4.92 5.60 30.35
N VAL A 101 4.57 5.71 29.06
CA VAL A 101 5.50 6.16 28.04
C VAL A 101 4.88 7.34 27.32
N SER A 102 5.74 8.26 26.88
CA SER A 102 5.38 9.28 25.91
C SER A 102 6.33 9.17 24.73
N LEU A 103 5.89 9.65 23.57
CA LEU A 103 6.66 9.53 22.34
C LEU A 103 6.81 10.92 21.74
N ARG A 104 8.06 11.35 21.54
CA ARG A 104 8.35 12.66 20.97
C ARG A 104 8.83 12.48 19.53
N GLY A 105 8.09 13.04 18.59
CA GLY A 105 8.46 12.97 17.19
C GLY A 105 9.63 13.85 16.87
N SER A 106 10.11 13.75 15.63
CA SER A 106 11.34 14.47 15.31
C SER A 106 11.11 15.98 15.18
N ASN A 107 9.85 16.43 15.14
CA ASN A 107 9.50 17.84 15.25
C ASN A 107 9.48 18.34 16.70
N GLY A 108 9.85 17.50 17.66
CA GLY A 108 9.87 17.88 19.06
C GLY A 108 8.51 17.88 19.73
N MET A 109 7.45 17.47 19.03
CA MET A 109 6.11 17.41 19.60
C MET A 109 5.80 16.00 20.07
N TYR A 110 4.72 15.86 20.83
CA TYR A 110 4.37 14.60 21.47
C TYR A 110 3.15 13.94 20.83
N VAL A 111 3.21 12.60 20.72
CA VAL A 111 2.11 11.82 20.18
C VAL A 111 0.92 11.90 21.13
N SER A 112 -0.25 12.22 20.59
CA SER A 112 -1.46 12.38 21.40
C SER A 112 -2.56 11.42 20.96
N SER A 113 -3.15 10.73 21.93
CA SER A 113 -4.33 9.91 21.67
C SER A 113 -5.55 10.73 21.28
N GLU A 114 -5.55 12.02 21.59
CA GLU A 114 -6.71 12.90 21.39
C GLU A 114 -7.97 12.35 22.05
N ASN A 115 -7.79 11.54 23.10
CA ASN A 115 -8.90 10.92 23.83
C ASN A 115 -9.82 10.14 22.92
N GLY A 116 -9.31 9.69 21.78
CA GLY A 116 -10.13 8.93 20.85
C GLY A 116 -11.18 9.72 20.12
N GLU A 117 -11.21 11.05 20.26
CA GLU A 117 -12.22 11.89 19.63
C GLU A 117 -11.86 12.28 18.21
N GLN A 118 -10.58 12.16 17.85
CA GLN A 118 -10.10 12.38 16.49
C GLN A 118 -8.87 11.51 16.33
N ALA A 119 -8.37 11.43 15.10
CA ALA A 119 -7.21 10.60 14.82
C ALA A 119 -6.01 11.10 15.60
N ILE A 120 -5.08 10.18 15.88
CA ILE A 120 -3.89 10.48 16.66
C ILE A 120 -3.03 11.53 15.96
N THR A 121 -2.43 12.43 16.74
CA THR A 121 -1.63 13.53 16.23
C THR A 121 -0.24 13.54 16.86
N CYS A 122 0.66 14.31 16.28
CA CYS A 122 1.97 14.57 16.88
C CYS A 122 2.26 16.07 16.72
N ASN A 123 1.46 16.90 17.41
CA ASN A 123 1.65 18.35 17.31
C ASN A 123 1.61 19.07 18.66
N ARG A 124 1.54 18.35 19.78
CA ARG A 124 1.46 18.93 21.12
C ARG A 124 2.85 19.23 21.66
N PRO A 125 3.10 20.46 22.14
CA PRO A 125 4.45 20.82 22.65
C PRO A 125 4.77 20.29 24.03
N ALA A 126 3.79 19.85 24.81
CA ALA A 126 4.03 19.36 26.15
C ALA A 126 3.19 18.14 26.40
N ILE A 127 3.61 17.34 27.38
CA ILE A 127 2.93 16.11 27.74
C ILE A 127 1.76 16.41 28.66
N ASP A 128 0.59 15.90 28.31
CA ASP A 128 -0.59 15.94 29.16
C ASP A 128 -1.16 14.54 29.19
N GLY A 129 -2.35 14.36 29.78
CA GLY A 129 -2.87 13.02 29.93
C GLY A 129 -3.02 12.28 28.61
N TRP A 130 -3.43 12.99 27.57
CA TRP A 130 -3.64 12.33 26.28
C TRP A 130 -2.34 11.91 25.61
N GLU A 131 -1.20 12.39 26.10
CA GLU A 131 0.10 12.07 25.54
C GLU A 131 0.86 11.03 26.37
N ARG A 132 0.16 10.37 27.30
CA ARG A 132 0.76 9.30 28.10
C ARG A 132 0.09 7.98 27.78
N PHE A 133 0.90 6.95 27.57
CA PHE A 133 0.40 5.65 27.16
C PHE A 133 0.90 4.58 28.12
N ASN A 134 0.00 3.70 28.53
CA ASN A 134 0.44 2.44 29.14
C ASN A 134 0.88 1.51 28.03
N TRP A 135 1.88 0.69 28.33
CA TRP A 135 2.43 -0.20 27.32
C TRP A 135 2.80 -1.53 27.95
N ALA A 136 2.90 -2.55 27.10
CA ALA A 136 3.38 -3.85 27.52
C ALA A 136 3.86 -4.62 26.30
N ALA A 137 4.82 -5.52 26.52
CA ALA A 137 5.19 -6.45 25.47
C ALA A 137 3.99 -7.34 25.14
N ALA A 138 3.70 -7.48 23.85
CA ALA A 138 2.48 -8.15 23.41
C ALA A 138 2.45 -9.61 23.83
N THR A 139 3.62 -10.23 23.98
CA THR A 139 3.70 -11.63 24.38
C THR A 139 3.76 -11.77 25.91
N GLY B 13 -16.53 5.25 -21.01
CA GLY B 13 -16.94 6.28 -20.04
C GLY B 13 -15.85 6.55 -19.01
N SER B 14 -14.60 6.23 -19.36
CA SER B 14 -13.45 6.46 -18.45
C SER B 14 -12.73 7.74 -18.88
N LYS B 15 -12.47 8.66 -17.93
CA LYS B 15 -11.76 9.93 -18.24
C LYS B 15 -10.75 10.22 -17.12
N THR B 16 -9.58 10.74 -17.49
CA THR B 16 -8.55 11.12 -16.49
C THR B 16 -8.66 12.63 -16.29
N ILE B 17 -8.72 13.09 -15.05
CA ILE B 17 -8.90 14.55 -14.82
C ILE B 17 -8.03 15.00 -13.64
N TRP B 18 -7.77 16.30 -13.59
CA TRP B 18 -7.27 16.93 -12.38
C TRP B 18 -8.36 17.80 -11.79
N LEU B 19 -8.13 18.24 -10.57
CA LEU B 19 -9.08 19.06 -9.82
C LEU B 19 -8.30 20.24 -9.26
N GLN B 20 -8.64 21.43 -9.70
CA GLN B 20 -7.97 22.64 -9.25
C GLN B 20 -8.86 23.35 -8.24
N GLY B 21 -8.33 23.54 -7.03
CA GLY B 21 -9.08 24.12 -5.94
C GLY B 21 -9.08 25.64 -5.92
N PHE B 22 -9.73 26.17 -4.87
CA PHE B 22 -9.96 27.60 -4.68
C PHE B 22 -8.65 28.38 -4.62
N ASN B 23 -7.59 27.77 -4.09
CA ASN B 23 -6.26 28.38 -3.95
C ASN B 23 -5.42 28.29 -5.22
N SER B 24 -6.03 27.87 -6.34
CA SER B 24 -5.39 27.63 -7.63
C SER B 24 -4.40 26.47 -7.61
N LYS B 25 -4.32 25.71 -6.51
N LYS B 25 -4.31 25.72 -6.52
CA LYS B 25 -3.50 24.51 -6.47
CA LYS B 25 -3.49 24.52 -6.50
C LYS B 25 -4.35 23.30 -6.90
C LYS B 25 -4.33 23.30 -6.84
N TYR B 26 -3.66 22.17 -7.08
CA TYR B 26 -4.29 20.96 -7.58
C TYR B 26 -4.32 19.88 -6.52
N VAL B 27 -5.42 19.11 -6.52
CA VAL B 27 -5.61 18.02 -5.58
C VAL B 27 -4.56 16.95 -5.83
N ASN B 28 -3.94 16.49 -4.75
CA ASN B 28 -2.76 15.64 -4.76
C ASN B 28 -3.06 14.38 -3.96
N SER B 29 -2.96 13.22 -4.60
CA SER B 29 -3.18 11.94 -3.90
C SER B 29 -2.16 11.70 -2.79
N ARG B 30 -1.01 12.39 -2.83
CA ARG B 30 0.13 12.12 -1.95
C ARG B 30 0.58 10.66 -2.04
N ASN B 31 0.26 9.98 -3.14
CA ASN B 31 0.67 8.59 -3.38
C ASN B 31 0.15 7.68 -2.27
N GLY B 32 -0.97 8.07 -1.65
CA GLY B 32 -1.55 7.29 -0.57
C GLY B 32 -0.77 7.32 0.73
N GLN B 33 0.26 8.15 0.81
CA GLN B 33 1.04 8.26 2.04
C GLN B 33 0.48 9.42 2.83
N GLY B 34 -0.34 9.10 3.84
CA GLY B 34 -1.09 10.13 4.54
C GLY B 34 -2.29 10.59 3.73
N ALA B 35 -2.81 11.74 4.11
CA ALA B 35 -4.05 12.24 3.54
C ALA B 35 -3.79 13.05 2.26
N MET B 36 -4.87 13.27 1.53
CA MET B 36 -4.81 14.10 0.33
C MET B 36 -4.75 15.58 0.68
N TRP B 37 -4.03 16.34 -0.14
CA TRP B 37 -3.92 17.79 0.03
C TRP B 37 -4.17 18.48 -1.30
N CYS B 38 -4.67 19.71 -1.24
CA CYS B 38 -4.76 20.55 -2.43
C CYS B 38 -3.58 21.52 -2.40
N ASP B 39 -2.41 21.01 -2.76
CA ASP B 39 -1.16 21.72 -2.53
C ASP B 39 -0.22 21.76 -3.73
N SER B 40 -0.57 21.15 -4.85
CA SER B 40 0.37 21.05 -5.95
C SER B 40 0.26 22.25 -6.87
N ASP B 41 1.39 22.73 -7.36
CA ASP B 41 1.38 23.94 -8.17
C ASP B 41 0.98 23.66 -9.61
N THR B 42 1.28 22.46 -10.11
CA THR B 42 0.96 22.00 -11.46
C THR B 42 0.40 20.59 -11.37
N PRO B 43 -0.40 20.18 -12.34
CA PRO B 43 -0.93 18.81 -12.35
C PRO B 43 0.04 17.83 -12.99
N GLN B 44 0.73 17.03 -12.16
CA GLN B 44 1.54 15.91 -12.62
C GLN B 44 0.86 14.60 -12.19
N ALA B 45 1.65 13.54 -12.07
CA ALA B 45 1.08 12.19 -11.98
C ALA B 45 0.18 12.02 -10.76
N TRP B 46 0.58 12.55 -9.62
CA TRP B 46 -0.20 12.38 -8.39
C TRP B 46 -1.44 13.26 -8.36
N GLU B 47 -1.60 14.15 -9.33
CA GLU B 47 -2.76 15.03 -9.45
C GLU B 47 -3.78 14.51 -10.44
N LEU B 48 -3.55 13.33 -11.02
CA LEU B 48 -4.44 12.80 -12.05
C LEU B 48 -5.28 11.68 -11.45
N PHE B 49 -6.58 11.71 -11.75
CA PHE B 49 -7.55 10.78 -11.19
C PHE B 49 -8.41 10.23 -12.31
N THR B 50 -8.62 8.91 -12.31
CA THR B 50 -9.52 8.28 -13.27
C THR B 50 -10.92 8.27 -12.66
N VAL B 51 -11.87 8.90 -13.36
CA VAL B 51 -13.25 8.93 -12.90
C VAL B 51 -13.94 7.66 -13.37
N ILE B 52 -14.53 6.93 -12.43
CA ILE B 52 -15.20 5.67 -12.67
C ILE B 52 -16.69 5.83 -12.38
N ASP B 53 -17.55 5.34 -13.27
CA ASP B 53 -18.97 5.20 -12.97
C ASP B 53 -19.16 4.02 -12.03
N ALA B 54 -19.59 4.29 -10.80
CA ALA B 54 -19.71 3.25 -9.79
C ALA B 54 -21.12 2.68 -9.67
N GLY B 55 -22.06 3.14 -10.48
CA GLY B 55 -23.43 2.70 -10.38
C GLY B 55 -24.26 3.62 -9.50
N ASN B 56 -25.58 3.53 -9.69
CA ASN B 56 -26.55 4.32 -8.94
C ASN B 56 -26.29 5.82 -9.06
N GLY B 57 -25.72 6.25 -10.18
CA GLY B 57 -25.46 7.67 -10.38
C GLY B 57 -24.29 8.22 -9.61
N LYS B 58 -23.44 7.37 -9.06
CA LYS B 58 -22.27 7.81 -8.30
C LYS B 58 -20.99 7.58 -9.11
N ILE B 59 -19.93 8.30 -8.73
CA ILE B 59 -18.62 8.10 -9.33
C ILE B 59 -17.63 7.79 -8.23
N ALA B 60 -16.53 7.16 -8.64
CA ALA B 60 -15.35 6.95 -7.79
C ALA B 60 -14.14 7.52 -8.51
N LEU B 61 -13.05 7.70 -7.75
CA LEU B 61 -11.82 8.27 -8.30
C LEU B 61 -10.66 7.36 -7.97
N ARG B 62 -9.95 6.91 -8.99
CA ARG B 62 -8.75 6.10 -8.82
C ARG B 62 -7.51 6.96 -9.04
N GLY B 63 -6.63 7.01 -8.05
CA GLY B 63 -5.44 7.82 -8.12
C GLY B 63 -4.27 7.12 -8.78
N ASN B 64 -3.11 7.81 -8.76
CA ASN B 64 -1.90 7.34 -9.45
C ASN B 64 -1.46 5.96 -8.96
N ASN B 65 -1.77 5.64 -7.71
CA ASN B 65 -1.27 4.42 -7.10
C ASN B 65 -2.21 3.25 -7.33
N GLY B 66 -3.24 3.43 -8.15
CA GLY B 66 -4.27 2.43 -8.37
C GLY B 66 -5.20 2.24 -7.18
N LEU B 67 -5.16 3.12 -6.20
CA LEU B 67 -6.06 3.02 -5.05
C LEU B 67 -7.14 4.11 -5.19
N TYR B 68 -8.11 4.10 -4.28
CA TYR B 68 -9.33 4.86 -4.49
C TYR B 68 -9.52 5.94 -3.42
N VAL B 69 -10.06 7.08 -3.86
CA VAL B 69 -10.32 8.21 -2.97
C VAL B 69 -11.47 7.87 -2.03
N SER B 70 -11.31 8.17 -0.75
CA SER B 70 -12.34 7.90 0.24
C SER B 70 -12.70 9.18 1.01
N SER B 71 -14.01 9.35 1.25
CA SER B 71 -14.50 10.42 2.13
C SER B 71 -14.09 10.22 3.58
N GLU B 72 -13.71 8.99 3.96
CA GLU B 72 -13.45 8.60 5.34
C GLU B 72 -14.64 8.94 6.23
N ASN B 73 -15.83 9.02 5.64
CA ASN B 73 -17.08 9.37 6.34
C ASN B 73 -16.99 10.71 7.06
N GLY B 74 -16.08 11.60 6.65
CA GLY B 74 -15.94 12.87 7.33
C GLY B 74 -15.35 12.81 8.73
N GLU B 75 -14.84 11.65 9.15
CA GLU B 75 -14.29 11.47 10.50
C GLU B 75 -12.81 11.86 10.59
N GLN B 76 -12.15 11.99 9.44
CA GLN B 76 -10.75 12.35 9.34
C GLN B 76 -10.56 12.83 7.91
N ALA B 77 -9.37 13.35 7.63
CA ALA B 77 -9.10 13.86 6.29
C ALA B 77 -9.19 12.76 5.24
N MET B 78 -9.55 13.16 4.02
CA MET B 78 -9.71 12.24 2.91
C MET B 78 -8.39 11.63 2.48
N THR B 79 -8.46 10.42 1.92
CA THR B 79 -7.30 9.62 1.60
C THR B 79 -7.47 9.02 0.22
N CYS B 80 -6.35 8.59 -0.36
CA CYS B 80 -6.42 7.79 -1.56
C CYS B 80 -5.53 6.56 -1.34
N ASN B 81 -5.99 5.64 -0.45
CA ASN B 81 -5.27 4.40 -0.24
C ASN B 81 -6.21 3.21 0.00
N ARG B 82 -7.49 3.34 -0.33
CA ARG B 82 -8.38 2.16 -0.26
C ARG B 82 -8.12 1.22 -1.44
N PRO B 83 -7.97 -0.09 -1.21
CA PRO B 83 -7.69 -1.00 -2.33
C PRO B 83 -8.89 -1.26 -3.23
N ALA B 84 -10.10 -0.91 -2.81
CA ALA B 84 -11.28 -1.21 -3.62
C ALA B 84 -12.39 -0.24 -3.25
N ILE B 85 -13.35 -0.11 -4.16
CA ILE B 85 -14.51 0.78 -3.95
C ILE B 85 -15.51 0.10 -3.03
CA GLY B 87 -19.22 2.61 0.85
C GLY B 87 -18.89 4.08 1.00
N TRP B 88 -17.62 4.38 1.27
CA TRP B 88 -17.15 5.75 1.40
C TRP B 88 -16.35 6.22 0.19
N GLU B 89 -16.30 5.42 -0.88
CA GLU B 89 -15.51 5.73 -2.06
C GLU B 89 -16.38 6.18 -3.24
N VAL B 90 -17.66 6.49 -3.00
CA VAL B 90 -18.54 6.89 -4.10
C VAL B 90 -19.08 8.28 -3.84
N PHE B 91 -19.20 9.05 -4.91
CA PHE B 91 -19.51 10.47 -4.80
C PHE B 91 -20.56 10.85 -5.81
N ASP B 92 -21.37 11.86 -5.46
CA ASP B 92 -22.19 12.55 -6.44
C ASP B 92 -21.34 13.60 -7.13
N TRP B 93 -21.32 13.58 -8.45
CA TRP B 93 -20.69 14.63 -9.25
C TRP B 93 -21.69 15.77 -9.45
N ILE B 94 -21.40 16.94 -8.88
CA ILE B 94 -22.30 18.09 -8.90
C ILE B 94 -21.73 19.09 -9.89
N SER B 95 -22.48 19.38 -10.96
CA SER B 95 -22.06 20.38 -11.95
C SER B 95 -22.58 21.75 -11.55
N ASN B 96 -21.67 22.67 -11.25
CA ASN B 96 -22.07 23.99 -10.79
C ASN B 96 -22.30 24.91 -11.98
N SER B 97 -23.01 26.01 -11.70
CA SER B 97 -23.41 26.94 -12.75
C SER B 97 -22.21 27.56 -13.46
N ASP B 98 -21.07 27.68 -12.79
CA ASP B 98 -19.89 28.30 -13.38
C ASP B 98 -19.00 27.30 -14.11
N GLY B 99 -19.41 26.05 -14.25
CA GLY B 99 -18.57 25.05 -14.86
C GLY B 99 -17.64 24.33 -13.90
N SER B 100 -17.62 24.72 -12.62
CA SER B 100 -16.87 23.97 -11.63
C SER B 100 -17.63 22.70 -11.25
N VAL B 101 -16.95 21.81 -10.56
CA VAL B 101 -17.55 20.59 -10.02
C VAL B 101 -17.43 20.63 -8.50
N SER B 102 -18.42 20.06 -7.83
CA SER B 102 -18.35 19.75 -6.40
C SER B 102 -18.64 18.27 -6.23
N LEU B 103 -18.12 17.69 -5.15
CA LEU B 103 -18.23 16.25 -4.93
C LEU B 103 -18.90 16.02 -3.58
N ARG B 104 -20.00 15.28 -3.59
N ARG B 104 -20.02 15.30 -3.59
CA ARG B 104 -20.75 14.98 -2.37
CA ARG B 104 -20.76 14.99 -2.37
C ARG B 104 -20.50 13.53 -1.98
C ARG B 104 -20.50 13.53 -1.98
N GLY B 105 -19.92 13.33 -0.81
CA GLY B 105 -19.64 11.99 -0.34
C GLY B 105 -20.90 11.30 0.13
N SER B 106 -20.76 10.01 0.45
CA SER B 106 -21.93 9.23 0.83
C SER B 106 -22.49 9.63 2.19
N ASN B 107 -21.76 10.46 2.94
CA ASN B 107 -22.28 11.02 4.18
C ASN B 107 -23.06 12.31 3.95
N GLY B 108 -23.28 12.69 2.69
CA GLY B 108 -24.01 13.89 2.37
C GLY B 108 -23.21 15.18 2.47
N MET B 109 -21.93 15.11 2.84
CA MET B 109 -21.07 16.27 2.96
C MET B 109 -20.24 16.46 1.69
N TYR B 110 -19.61 17.63 1.59
CA TYR B 110 -18.90 18.02 0.37
C TYR B 110 -17.39 18.04 0.58
N VAL B 111 -16.68 17.62 -0.48
CA VAL B 111 -15.22 17.60 -0.48
C VAL B 111 -14.69 19.02 -0.47
N SER B 112 -13.74 19.30 0.42
CA SER B 112 -13.24 20.67 0.58
C SER B 112 -11.73 20.67 0.43
N SER B 113 -11.23 21.61 -0.39
CA SER B 113 -9.80 21.87 -0.50
C SER B 113 -9.19 22.38 0.79
N GLU B 114 -10.01 22.95 1.69
CA GLU B 114 -9.54 23.60 2.91
C GLU B 114 -8.53 24.71 2.62
N ASN B 115 -8.59 25.23 1.39
CA ASN B 115 -7.70 26.31 0.94
C ASN B 115 -6.23 25.95 1.08
N GLY B 116 -5.93 24.64 1.03
CA GLY B 116 -4.57 24.17 1.20
C GLY B 116 -3.99 24.30 2.58
N GLU B 117 -4.77 24.76 3.57
CA GLU B 117 -4.25 25.02 4.91
C GLU B 117 -4.17 23.76 5.77
N GLN B 118 -4.98 22.76 5.45
CA GLN B 118 -4.94 21.46 6.09
C GLN B 118 -5.31 20.45 5.02
N ALA B 119 -5.19 19.17 5.36
CA ALA B 119 -5.54 18.13 4.40
C ALA B 119 -7.03 18.20 4.03
N ILE B 120 -7.33 17.69 2.84
CA ILE B 120 -8.67 17.72 2.28
C ILE B 120 -9.66 16.95 3.17
N THR B 121 -10.87 17.49 3.28
CA THR B 121 -11.91 16.91 4.14
C THR B 121 -13.18 16.69 3.36
N CYS B 122 -14.10 15.90 3.95
CA CYS B 122 -15.43 15.76 3.38
C CYS B 122 -16.41 15.81 4.56
N ASN B 123 -16.53 17.00 5.17
CA ASN B 123 -17.36 17.18 6.34
C ASN B 123 -18.21 18.43 6.29
N ARG B 124 -18.20 19.19 5.18
CA ARG B 124 -18.97 20.44 5.04
C ARG B 124 -20.39 20.16 4.56
N PRO B 125 -21.42 20.70 5.22
CA PRO B 125 -22.80 20.44 4.79
C PRO B 125 -23.25 21.24 3.60
N ALA B 126 -22.52 22.28 3.19
CA ALA B 126 -22.94 23.09 2.05
C ALA B 126 -21.74 23.46 1.19
N ILE B 127 -22.02 23.74 -0.07
CA ILE B 127 -20.99 24.13 -1.02
C ILE B 127 -20.60 25.58 -0.75
N ASP B 128 -19.29 25.82 -0.66
CA ASP B 128 -18.72 27.15 -0.56
C ASP B 128 -17.53 27.18 -1.50
N GLY B 129 -16.72 28.23 -1.44
CA GLY B 129 -15.64 28.35 -2.40
C GLY B 129 -14.65 27.21 -2.35
N TRP B 130 -14.27 26.78 -1.14
CA TRP B 130 -13.30 25.69 -1.02
C TRP B 130 -13.83 24.36 -1.52
N GLU B 131 -15.13 24.26 -1.80
CA GLU B 131 -15.75 23.01 -2.25
C GLU B 131 -16.07 23.00 -3.74
N ARG B 132 -15.54 23.97 -4.49
CA ARG B 132 -15.69 24.03 -5.93
C ARG B 132 -14.34 23.84 -6.60
N PHE B 133 -14.29 22.99 -7.62
CA PHE B 133 -13.05 22.66 -8.30
C PHE B 133 -13.19 22.87 -9.81
N ASN B 134 -12.15 23.43 -10.40
CA ASN B 134 -12.02 23.36 -11.85
C ASN B 134 -11.41 22.03 -12.25
N TRP B 135 -11.90 21.48 -13.35
CA TRP B 135 -11.44 20.19 -13.83
C TRP B 135 -11.27 20.28 -15.34
N ALA B 136 -10.51 19.36 -15.89
CA ALA B 136 -10.31 19.26 -17.33
C ALA B 136 -9.63 17.94 -17.64
N ALA B 137 -9.33 17.74 -18.93
CA ALA B 137 -8.66 16.55 -19.47
C ALA B 137 -9.53 15.31 -19.32
N GLY C 13 -3.71 -2.23 -5.19
CA GLY C 13 -5.15 -2.41 -5.29
C GLY C 13 -5.62 -3.85 -5.25
N SER C 14 -6.82 -4.06 -4.70
CA SER C 14 -7.45 -5.36 -4.75
C SER C 14 -7.63 -5.81 -6.20
N LYS C 15 -7.72 -7.11 -6.42
CA LYS C 15 -7.82 -7.58 -7.79
C LYS C 15 -9.15 -8.28 -8.07
N THR C 16 -10.19 -7.98 -7.28
CA THR C 16 -11.55 -8.37 -7.63
C THR C 16 -12.24 -7.14 -8.20
N ILE C 17 -12.64 -7.22 -9.48
CA ILE C 17 -12.98 -6.05 -10.27
C ILE C 17 -14.32 -6.23 -10.97
N TRP C 18 -14.90 -5.11 -11.38
CA TRP C 18 -15.99 -5.11 -12.34
C TRP C 18 -15.47 -4.61 -13.69
N LEU C 19 -16.26 -4.86 -14.72
CA LEU C 19 -15.97 -4.42 -16.08
C LEU C 19 -17.23 -3.76 -16.61
N GLN C 20 -17.13 -2.49 -17.00
CA GLN C 20 -18.28 -1.75 -17.47
C GLN C 20 -18.14 -1.50 -18.96
N GLY C 21 -19.15 -1.91 -19.73
CA GLY C 21 -19.10 -1.81 -21.16
C GLY C 21 -19.62 -0.50 -21.73
N PHE C 22 -19.62 -0.46 -23.06
CA PHE C 22 -20.03 0.69 -23.85
C PHE C 22 -21.44 1.16 -23.50
N ASN C 23 -22.33 0.23 -23.15
CA ASN C 23 -23.71 0.60 -22.85
C ASN C 23 -23.89 1.07 -21.40
N SER C 24 -22.79 1.34 -20.69
CA SER C 24 -22.75 1.65 -19.26
C SER C 24 -23.28 0.53 -18.37
N LYS C 25 -23.54 -0.66 -18.92
CA LYS C 25 -23.89 -1.80 -18.10
C LYS C 25 -22.64 -2.58 -17.71
N TYR C 26 -22.77 -3.48 -16.75
CA TYR C 26 -21.64 -4.23 -16.20
C TYR C 26 -21.69 -5.69 -16.65
N VAL C 27 -20.50 -6.24 -16.95
CA VAL C 27 -20.35 -7.64 -17.34
C VAL C 27 -20.85 -8.53 -16.21
N ASN C 28 -21.63 -9.56 -16.59
CA ASN C 28 -22.40 -10.42 -15.70
C ASN C 28 -22.01 -11.86 -16.01
N SER C 29 -21.63 -12.61 -14.97
CA SER C 29 -21.21 -14.00 -15.18
C SER C 29 -22.38 -14.90 -15.50
N ARG C 30 -23.59 -14.44 -15.22
CA ARG C 30 -24.82 -15.24 -15.25
C ARG C 30 -24.70 -16.49 -14.39
N ASN C 31 -23.78 -16.49 -13.43
CA ASN C 31 -23.57 -17.60 -12.49
C ASN C 31 -23.21 -18.90 -13.24
N GLY C 32 -22.64 -18.77 -14.44
CA GLY C 32 -22.27 -19.92 -15.22
C GLY C 32 -23.41 -20.60 -15.96
N GLN C 33 -24.62 -20.06 -15.89
CA GLN C 33 -25.77 -20.63 -16.61
C GLN C 33 -25.87 -19.90 -17.94
N GLY C 34 -25.48 -20.57 -19.00
CA GLY C 34 -25.48 -19.96 -20.30
C GLY C 34 -24.32 -18.98 -20.48
N ALA C 35 -24.51 -18.06 -21.41
CA ALA C 35 -23.45 -17.15 -21.82
C ALA C 35 -23.43 -15.91 -20.92
N MET C 36 -22.29 -15.23 -20.92
CA MET C 36 -22.12 -13.97 -20.21
C MET C 36 -22.69 -12.80 -21.00
N TRP C 37 -23.16 -11.79 -20.28
CA TRP C 37 -23.82 -10.62 -20.85
C TRP C 37 -23.30 -9.35 -20.20
N CYS C 38 -23.28 -8.28 -20.98
CA CYS C 38 -22.99 -6.94 -20.44
C CYS C 38 -24.33 -6.22 -20.30
N ASP C 39 -25.04 -6.56 -19.22
CA ASP C 39 -26.41 -6.10 -19.08
C ASP C 39 -26.83 -5.71 -17.67
N SER C 40 -25.93 -5.72 -16.69
N SER C 40 -25.91 -5.73 -16.69
CA SER C 40 -26.28 -5.40 -15.31
CA SER C 40 -26.26 -5.40 -15.32
C SER C 40 -26.21 -3.90 -15.10
C SER C 40 -26.22 -3.88 -15.11
N ASP C 41 -27.22 -3.36 -14.41
CA ASP C 41 -27.26 -1.92 -14.19
C ASP C 41 -26.31 -1.45 -13.09
N THR C 42 -25.95 -2.32 -12.14
CA THR C 42 -25.05 -1.98 -11.06
C THR C 42 -24.13 -3.17 -10.80
N PRO C 43 -22.90 -2.92 -10.31
CA PRO C 43 -21.97 -4.03 -10.05
C PRO C 43 -22.25 -4.70 -8.71
N GLN C 44 -22.86 -5.88 -8.77
CA GLN C 44 -23.06 -6.69 -7.57
C GLN C 44 -22.29 -8.01 -7.67
N ALA C 45 -22.75 -9.04 -6.96
CA ALA C 45 -21.96 -10.27 -6.80
C ALA C 45 -21.59 -10.88 -8.14
N TRP C 46 -22.56 -11.02 -9.06
CA TRP C 46 -22.28 -11.70 -10.32
C TRP C 46 -21.46 -10.85 -11.29
N GLU C 47 -21.21 -9.59 -10.95
CA GLU C 47 -20.44 -8.67 -11.77
C GLU C 47 -18.99 -8.54 -11.31
N LEU C 48 -18.58 -9.28 -10.29
CA LEU C 48 -17.23 -9.18 -9.77
C LEU C 48 -16.41 -10.38 -10.22
N PHE C 49 -15.19 -10.09 -10.66
CA PHE C 49 -14.28 -11.10 -11.17
C PHE C 49 -12.92 -10.91 -10.52
N THR C 50 -12.33 -12.00 -10.03
CA THR C 50 -11.00 -11.94 -9.46
C THR C 50 -9.96 -12.14 -10.57
N VAL C 51 -9.06 -11.17 -10.70
CA VAL C 51 -7.99 -11.25 -11.69
C VAL C 51 -6.90 -12.16 -11.14
N ILE C 52 -6.63 -13.26 -11.84
CA ILE C 52 -5.67 -14.28 -11.43
C ILE C 52 -4.45 -14.21 -12.34
N ASP C 53 -3.26 -14.22 -11.75
CA ASP C 53 -2.05 -14.36 -12.56
C ASP C 53 -2.02 -15.74 -13.21
N ALA C 54 -1.99 -15.78 -14.53
CA ALA C 54 -1.99 -17.03 -15.29
C ALA C 54 -0.63 -17.39 -15.84
N GLY C 55 0.40 -16.60 -15.54
CA GLY C 55 1.73 -16.86 -16.04
C GLY C 55 1.97 -16.24 -17.40
N ASN C 56 3.25 -16.00 -17.69
CA ASN C 56 3.71 -15.43 -18.97
C ASN C 56 3.08 -14.07 -19.25
N GLY C 57 2.80 -13.30 -18.20
CA GLY C 57 2.19 -12.00 -18.37
C GLY C 57 0.69 -12.00 -18.65
N LYS C 58 0.05 -13.16 -18.60
CA LYS C 58 -1.38 -13.28 -18.89
C LYS C 58 -2.18 -13.31 -17.59
N ILE C 59 -3.50 -13.08 -17.73
CA ILE C 59 -4.40 -13.16 -16.60
C ILE C 59 -5.58 -14.06 -16.95
N ALA C 60 -6.24 -14.54 -15.89
CA ALA C 60 -7.54 -15.21 -16.00
C ALA C 60 -8.51 -14.48 -15.09
N LEU C 61 -9.80 -14.69 -15.33
CA LEU C 61 -10.87 -14.03 -14.57
C LEU C 61 -11.74 -15.09 -13.94
N ARG C 62 -11.80 -15.09 -12.61
CA ARG C 62 -12.57 -16.07 -11.87
C ARG C 62 -13.85 -15.41 -11.36
N GLY C 63 -15.00 -15.93 -11.78
CA GLY C 63 -16.28 -15.34 -11.45
C GLY C 63 -16.78 -15.68 -10.07
N ASN C 64 -17.98 -15.18 -9.77
CA ASN C 64 -18.60 -15.35 -8.46
C ASN C 64 -18.75 -16.83 -8.11
N ASN C 65 -18.95 -17.69 -9.11
CA ASN C 65 -19.14 -19.13 -8.91
C ASN C 65 -17.82 -19.89 -8.80
N GLY C 66 -16.69 -19.19 -8.70
CA GLY C 66 -15.39 -19.85 -8.63
C GLY C 66 -14.92 -20.47 -9.92
N LEU C 67 -15.64 -20.29 -11.02
CA LEU C 67 -15.27 -20.81 -12.33
C LEU C 67 -14.69 -19.67 -13.18
N TYR C 68 -14.08 -20.05 -14.31
CA TYR C 68 -13.24 -19.14 -15.08
C TYR C 68 -13.90 -18.71 -16.39
N VAL C 69 -13.68 -17.45 -16.75
CA VAL C 69 -14.21 -16.89 -17.99
C VAL C 69 -13.48 -17.50 -19.17
N SER C 70 -14.24 -17.93 -20.19
CA SER C 70 -13.62 -18.54 -21.35
C SER C 70 -14.01 -17.77 -22.61
N SER C 71 -13.01 -17.54 -23.48
CA SER C 71 -13.26 -16.91 -24.77
C SER C 71 -14.12 -17.77 -25.69
N GLU C 72 -14.22 -19.08 -25.45
CA GLU C 72 -14.86 -20.04 -26.36
C GLU C 72 -14.29 -19.93 -27.77
N ASN C 73 -13.04 -19.44 -27.86
CA ASN C 73 -12.30 -19.24 -29.10
C ASN C 73 -13.08 -18.41 -30.12
N GLY C 74 -14.01 -17.58 -29.66
CA GLY C 74 -14.76 -16.76 -30.59
C GLY C 74 -15.78 -17.48 -31.43
N GLU C 75 -15.98 -18.77 -31.19
CA GLU C 75 -16.93 -19.55 -32.00
C GLU C 75 -18.32 -19.55 -31.41
N GLN C 76 -18.46 -19.17 -30.14
CA GLN C 76 -19.75 -18.97 -29.51
C GLN C 76 -19.55 -17.92 -28.42
N ALA C 77 -20.66 -17.50 -27.82
CA ALA C 77 -20.57 -16.47 -26.79
C ALA C 77 -19.75 -16.96 -25.60
N MET C 78 -19.10 -16.01 -24.93
CA MET C 78 -18.25 -16.31 -23.79
C MET C 78 -19.07 -16.83 -22.61
N THR C 79 -18.40 -17.59 -21.76
CA THR C 79 -19.02 -18.31 -20.65
C THR C 79 -18.17 -18.17 -19.40
N CYS C 80 -18.78 -18.39 -18.25
CA CYS C 80 -18.03 -18.46 -17.01
C CYS C 80 -18.35 -19.80 -16.32
N ASN C 81 -17.81 -20.88 -16.86
CA ASN C 81 -18.13 -22.21 -16.35
C ASN C 81 -16.95 -23.16 -16.25
N ARG C 82 -15.71 -22.72 -16.54
CA ARG C 82 -14.61 -23.69 -16.58
C ARG C 82 -14.01 -23.86 -15.19
N PRO C 83 -13.80 -25.10 -14.74
CA PRO C 83 -13.19 -25.31 -13.42
C PRO C 83 -11.73 -24.93 -13.33
N ALA C 84 -11.01 -24.88 -14.44
CA ALA C 84 -9.57 -24.65 -14.40
C ALA C 84 -9.16 -23.70 -15.50
N ILE C 85 -8.01 -23.06 -15.32
CA ILE C 85 -7.42 -22.21 -16.34
C ILE C 85 -6.70 -23.08 -17.35
CA GLY C 87 -6.29 -22.45 -23.20
C GLY C 87 -7.10 -21.21 -23.58
N TRP C 88 -8.41 -21.30 -23.43
CA TRP C 88 -9.29 -20.17 -23.76
C TRP C 88 -9.56 -19.27 -22.57
N GLU C 89 -8.93 -19.51 -21.42
CA GLU C 89 -9.18 -18.74 -20.20
C GLU C 89 -8.07 -17.76 -19.88
N VAL C 90 -7.09 -17.61 -20.75
CA VAL C 90 -5.98 -16.68 -20.54
C VAL C 90 -6.13 -15.49 -21.47
N PHE C 91 -5.94 -14.29 -20.91
CA PHE C 91 -6.12 -13.03 -21.64
C PHE C 91 -4.93 -12.12 -21.40
N ASP C 92 -4.64 -11.30 -22.40
CA ASP C 92 -3.78 -10.13 -22.21
C ASP C 92 -4.60 -8.95 -21.69
N TRP C 93 -4.13 -8.35 -20.60
CA TRP C 93 -4.71 -7.12 -20.07
C TRP C 93 -4.08 -5.95 -20.81
N ILE C 94 -4.88 -5.24 -21.60
CA ILE C 94 -4.40 -4.12 -22.41
C ILE C 94 -4.87 -2.82 -21.77
N SER C 95 -3.92 -1.99 -21.36
CA SER C 95 -4.23 -0.69 -20.76
C SER C 95 -4.39 0.35 -21.86
N ASN C 96 -5.53 1.04 -21.86
CA ASN C 96 -5.77 2.06 -22.87
C ASN C 96 -5.56 3.44 -22.26
N SER C 97 -5.37 4.42 -23.15
CA SER C 97 -5.02 5.77 -22.70
C SER C 97 -6.08 6.36 -21.78
N ASP C 98 -7.36 6.14 -22.10
CA ASP C 98 -8.47 6.71 -21.36
C ASP C 98 -8.57 6.19 -19.93
N GLY C 99 -7.84 5.12 -19.59
CA GLY C 99 -8.00 4.44 -18.33
C GLY C 99 -8.82 3.16 -18.43
N SER C 100 -9.41 2.90 -19.59
CA SER C 100 -10.17 1.68 -19.80
C SER C 100 -9.22 0.51 -20.05
N VAL C 101 -9.81 -0.69 -20.09
CA VAL C 101 -9.06 -1.91 -20.35
C VAL C 101 -9.67 -2.63 -21.54
N SER C 102 -8.83 -3.34 -22.27
CA SER C 102 -9.25 -4.26 -23.32
C SER C 102 -8.65 -5.62 -23.01
N LEU C 103 -9.31 -6.69 -23.44
CA LEU C 103 -8.87 -8.05 -23.14
C LEU C 103 -8.67 -8.82 -24.43
N ARG C 104 -7.46 -9.35 -24.65
CA ARG C 104 -7.15 -10.10 -25.85
C ARG C 104 -7.10 -11.58 -25.50
N GLY C 105 -7.98 -12.37 -26.12
CA GLY C 105 -8.02 -13.80 -25.92
C GLY C 105 -6.90 -14.52 -26.63
N SER C 106 -6.84 -15.84 -26.41
CA SER C 106 -5.71 -16.62 -26.94
C SER C 106 -5.79 -16.76 -28.46
N ASN C 107 -6.94 -16.49 -29.06
CA ASN C 107 -7.09 -16.46 -30.52
C ASN C 107 -6.63 -15.14 -31.12
N GLY C 108 -6.11 -14.24 -30.30
CA GLY C 108 -5.68 -12.95 -30.79
C GLY C 108 -6.79 -11.95 -30.97
N MET C 109 -8.03 -12.32 -30.68
CA MET C 109 -9.17 -11.42 -30.80
C MET C 109 -9.49 -10.76 -29.46
N TYR C 110 -10.35 -9.74 -29.52
CA TYR C 110 -10.65 -8.92 -28.35
C TYR C 110 -12.09 -9.13 -27.87
N VAL C 111 -12.24 -9.11 -26.54
CA VAL C 111 -13.54 -9.31 -25.89
C VAL C 111 -14.42 -8.10 -26.16
N SER C 112 -15.68 -8.35 -26.58
CA SER C 112 -16.62 -7.27 -26.91
C SER C 112 -17.85 -7.34 -26.00
N SER C 113 -18.28 -6.17 -25.50
CA SER C 113 -19.56 -6.08 -24.79
C SER C 113 -20.74 -6.30 -25.72
N GLU C 114 -20.53 -6.15 -27.03
CA GLU C 114 -21.57 -6.19 -28.05
C GLU C 114 -22.69 -5.20 -27.76
N ASN C 115 -22.39 -4.19 -26.95
CA ASN C 115 -23.34 -3.14 -26.55
C ASN C 115 -24.60 -3.76 -25.94
N GLY C 116 -24.48 -4.97 -25.38
CA GLY C 116 -25.62 -5.64 -24.81
C GLY C 116 -26.66 -6.13 -25.79
N GLU C 117 -26.36 -6.10 -27.09
CA GLU C 117 -27.32 -6.54 -28.11
C GLU C 117 -27.29 -8.03 -28.30
N GLN C 118 -26.23 -8.68 -27.83
CA GLN C 118 -26.08 -10.13 -27.83
C GLN C 118 -25.08 -10.46 -26.73
N ALA C 119 -24.94 -11.76 -26.43
CA ALA C 119 -24.01 -12.18 -25.39
C ALA C 119 -22.60 -11.79 -25.78
N ILE C 120 -21.75 -11.64 -24.74
N ILE C 120 -21.75 -11.58 -24.76
CA ILE C 120 -20.38 -11.17 -24.92
CA ILE C 120 -20.42 -11.05 -25.05
C ILE C 120 -19.60 -12.14 -25.81
C ILE C 120 -19.61 -12.08 -25.81
N THR C 121 -18.69 -11.59 -26.63
CA THR C 121 -17.93 -12.40 -27.59
C THR C 121 -16.45 -12.09 -27.49
N CYS C 122 -15.63 -12.97 -28.08
CA CYS C 122 -14.19 -12.73 -28.27
C CYS C 122 -13.81 -13.06 -29.71
N ASN C 123 -14.25 -12.22 -30.65
CA ASN C 123 -14.04 -12.46 -32.07
C ASN C 123 -13.54 -11.25 -32.85
N ARG C 124 -13.25 -10.07 -32.16
CA ARG C 124 -12.88 -8.87 -32.93
C ARG C 124 -11.38 -8.83 -33.19
N PRO C 125 -10.94 -8.63 -34.43
CA PRO C 125 -9.50 -8.53 -34.70
C PRO C 125 -8.84 -7.28 -34.16
N ALA C 126 -9.60 -6.23 -33.86
CA ALA C 126 -9.02 -4.97 -33.40
C ALA C 126 -9.94 -4.33 -32.38
N ILE C 127 -9.38 -3.45 -31.57
CA ILE C 127 -10.14 -2.79 -30.50
C ILE C 127 -10.99 -1.66 -31.10
N ASP C 128 -12.29 -1.75 -30.89
CA ASP C 128 -13.24 -0.68 -31.22
C ASP C 128 -13.92 -0.25 -29.92
N GLY C 129 -14.95 0.59 -30.03
CA GLY C 129 -15.56 1.15 -28.83
C GLY C 129 -16.14 0.11 -27.89
N TRP C 130 -16.77 -0.93 -28.44
CA TRP C 130 -17.40 -1.94 -27.59
C TRP C 130 -16.39 -2.91 -26.98
N GLU C 131 -15.12 -2.82 -27.35
CA GLU C 131 -14.06 -3.66 -26.79
C GLU C 131 -13.22 -2.92 -25.77
N ARG C 132 -13.67 -1.75 -25.30
CA ARG C 132 -13.04 -1.03 -24.22
C ARG C 132 -13.98 -1.05 -23.01
N PHE C 133 -13.44 -1.40 -21.85
CA PHE C 133 -14.23 -1.52 -20.63
C PHE C 133 -13.66 -0.59 -19.57
N ASN C 134 -14.54 0.06 -18.83
CA ASN C 134 -14.11 0.72 -17.62
C ASN C 134 -14.05 -0.33 -16.52
N TRP C 135 -13.09 -0.17 -15.62
CA TRP C 135 -12.89 -1.20 -14.60
C TRP C 135 -12.57 -0.55 -13.26
N ALA C 136 -12.92 -1.25 -12.20
CA ALA C 136 -12.51 -0.84 -10.88
C ALA C 136 -12.52 -2.05 -9.96
N ALA C 137 -11.63 -2.02 -8.98
CA ALA C 137 -11.66 -2.99 -7.90
C ALA C 137 -12.78 -2.62 -6.95
N ALA C 138 -13.54 -3.62 -6.53
CA ALA C 138 -14.73 -3.35 -5.76
C ALA C 138 -14.88 -4.41 -4.69
N THR C 139 -15.59 -4.04 -3.63
CA THR C 139 -15.90 -4.96 -2.55
C THR C 139 -17.40 -4.98 -2.35
N LEU C 140 -17.93 -6.16 -2.04
CA LEU C 140 -19.37 -6.30 -1.84
C LEU C 140 -19.80 -5.96 -0.43
N GLU C 141 -18.88 -5.93 0.52
CA GLU C 141 -19.18 -5.64 1.91
C GLU C 141 -18.50 -4.33 2.32
N HIS C 142 -18.74 -3.92 3.55
CA HIS C 142 -18.12 -2.70 4.08
C HIS C 142 -16.90 -3.05 4.91
N SER D 14 9.66 -0.51 0.93
CA SER D 14 11.06 -0.37 0.54
C SER D 14 11.74 -1.72 0.61
N LYS D 15 12.63 -1.99 -0.34
CA LYS D 15 13.43 -3.19 -0.30
C LYS D 15 14.87 -2.92 0.12
N THR D 16 15.16 -1.72 0.63
CA THR D 16 16.47 -1.40 1.17
C THR D 16 16.39 -1.40 2.69
N ILE D 17 17.22 -2.23 3.34
CA ILE D 17 17.05 -2.55 4.75
C ILE D 17 18.39 -2.41 5.48
N TRP D 18 18.29 -2.28 6.80
CA TRP D 18 19.43 -2.50 7.66
C TRP D 18 19.25 -3.80 8.43
N LEU D 19 20.35 -4.27 9.01
CA LEU D 19 20.37 -5.49 9.81
C LEU D 19 21.08 -5.18 11.12
N GLN D 20 20.36 -5.35 12.22
CA GLN D 20 20.90 -5.04 13.54
C GLN D 20 21.14 -6.34 14.29
N GLY D 21 22.38 -6.57 14.70
CA GLY D 21 22.73 -7.79 15.37
C GLY D 21 22.43 -7.77 16.86
N PHE D 22 22.76 -8.89 17.49
CA PHE D 22 22.45 -9.12 18.90
C PHE D 22 23.16 -8.11 19.81
N ASN D 23 24.29 -7.57 19.35
CA ASN D 23 25.07 -6.59 20.09
C ASN D 23 24.56 -5.16 19.92
N SER D 24 23.38 -4.97 19.31
N SER D 24 23.39 -4.99 19.29
CA SER D 24 22.73 -3.69 19.03
CA SER D 24 22.75 -3.70 19.04
C SER D 24 23.43 -2.89 17.94
C SER D 24 23.53 -2.84 18.05
N LYS D 25 24.48 -3.41 17.32
CA LYS D 25 25.17 -2.71 16.25
C LYS D 25 24.58 -3.15 14.91
N TYR D 26 24.93 -2.41 13.85
CA TYR D 26 24.40 -2.67 12.52
C TYR D 26 25.47 -3.21 11.58
N VAL D 27 25.03 -4.09 10.67
CA VAL D 27 25.89 -4.69 9.66
C VAL D 27 26.34 -3.62 8.68
N ASN D 28 27.66 -3.60 8.40
N ASN D 28 27.64 -3.57 8.41
CA ASN D 28 28.32 -2.58 7.58
CA ASN D 28 28.17 -2.56 7.50
C ASN D 28 29.02 -3.28 6.42
C ASN D 28 29.05 -3.22 6.45
N SER D 29 29.04 -2.62 5.25
CA SER D 29 29.59 -3.25 4.05
C SER D 29 31.10 -3.09 3.92
N ARG D 30 31.70 -2.11 4.59
CA ARG D 30 33.11 -1.76 4.41
C ARG D 30 33.44 -1.45 2.94
N ASN D 31 32.43 -0.98 2.20
CA ASN D 31 32.50 -0.67 0.77
C ASN D 31 33.23 -1.76 -0.02
N GLY D 32 33.06 -3.01 0.39
CA GLY D 32 33.69 -4.12 -0.30
C GLY D 32 35.18 -4.22 -0.14
N GLN D 33 35.80 -3.33 0.63
CA GLN D 33 37.22 -3.43 0.94
C GLN D 33 37.36 -4.22 2.23
N GLY D 34 37.36 -5.55 2.11
CA GLY D 34 37.54 -6.41 3.25
C GLY D 34 36.26 -7.05 3.72
N ALA D 35 36.31 -7.58 4.93
CA ALA D 35 35.21 -8.34 5.48
C ALA D 35 34.16 -7.41 6.08
N MET D 36 32.91 -7.84 6.00
CA MET D 36 31.79 -7.13 6.61
C MET D 36 31.76 -7.37 8.12
N TRP D 37 31.29 -6.37 8.85
CA TRP D 37 31.28 -6.37 10.30
C TRP D 37 29.91 -5.93 10.80
N CYS D 38 29.55 -6.41 11.98
CA CYS D 38 28.35 -5.91 12.65
C CYS D 38 28.81 -5.03 13.82
N ASP D 39 29.27 -3.82 13.46
CA ASP D 39 29.86 -2.93 14.47
C ASP D 39 29.53 -1.46 14.32
N SER D 40 28.55 -1.08 13.49
CA SER D 40 28.19 0.32 13.34
C SER D 40 27.19 0.75 14.39
N ASP D 41 27.41 1.94 14.96
CA ASP D 41 26.53 2.41 16.01
C ASP D 41 25.17 2.85 15.48
N THR D 42 25.10 3.36 14.26
CA THR D 42 23.87 3.85 13.66
C THR D 42 23.78 3.40 12.23
N PRO D 43 22.58 3.30 11.67
CA PRO D 43 22.43 2.87 10.28
C PRO D 43 22.45 4.04 9.31
N GLN D 44 23.56 4.15 8.57
CA GLN D 44 23.69 5.12 7.48
C GLN D 44 23.93 4.37 6.18
N ALA D 45 24.52 5.04 5.19
CA ALA D 45 24.54 4.49 3.82
C ALA D 45 25.24 3.14 3.76
N TRP D 46 26.34 2.99 4.51
CA TRP D 46 27.13 1.76 4.51
C TRP D 46 26.44 0.62 5.22
N GLU D 47 25.33 0.90 5.90
CA GLU D 47 24.56 -0.08 6.63
C GLU D 47 23.29 -0.47 5.90
N LEU D 48 23.07 0.03 4.69
CA LEU D 48 21.85 -0.22 3.94
C LEU D 48 22.12 -1.22 2.82
N PHE D 49 21.23 -2.21 2.68
CA PHE D 49 21.37 -3.24 1.66
C PHE D 49 20.04 -3.37 0.92
N THR D 50 20.11 -3.40 -0.41
CA THR D 50 18.93 -3.59 -1.23
C THR D 50 18.66 -5.09 -1.42
N VAL D 51 17.44 -5.52 -1.05
CA VAL D 51 17.02 -6.89 -1.23
C VAL D 51 16.61 -7.09 -2.67
N ILE D 52 17.29 -7.99 -3.36
CA ILE D 52 17.08 -8.25 -4.79
C ILE D 52 16.51 -9.64 -4.94
N ASP D 53 15.47 -9.77 -5.76
CA ASP D 53 14.93 -11.10 -6.05
C ASP D 53 15.95 -11.89 -6.85
N ALA D 54 16.39 -13.03 -6.31
CA ALA D 54 17.39 -13.87 -6.95
C ALA D 54 16.79 -15.08 -7.63
N GLY D 55 15.48 -15.17 -7.70
CA GLY D 55 14.81 -16.31 -8.29
C GLY D 55 14.77 -17.51 -7.35
N ASN D 56 13.80 -18.38 -7.61
CA ASN D 56 13.58 -19.59 -6.81
C ASN D 56 13.32 -19.26 -5.34
N GLY D 57 12.69 -18.13 -5.08
CA GLY D 57 12.37 -17.74 -3.72
C GLY D 57 13.55 -17.30 -2.88
N LYS D 58 14.68 -16.97 -3.52
CA LYS D 58 15.88 -16.55 -2.82
C LYS D 58 16.14 -15.07 -3.10
N ILE D 59 16.92 -14.46 -2.21
CA ILE D 59 17.25 -13.05 -2.34
C ILE D 59 18.76 -12.88 -2.36
N ALA D 60 19.20 -11.75 -2.91
CA ALA D 60 20.57 -11.27 -2.82
C ALA D 60 20.54 -9.91 -2.12
N LEU D 61 21.70 -9.50 -1.61
CA LEU D 61 21.84 -8.23 -0.90
C LEU D 61 22.88 -7.38 -1.61
N ARG D 62 22.46 -6.22 -2.11
CA ARG D 62 23.37 -5.31 -2.79
C ARG D 62 23.73 -4.17 -1.86
N GLY D 63 25.02 -4.00 -1.60
CA GLY D 63 25.49 -2.98 -0.69
C GLY D 63 25.58 -1.62 -1.33
N ASN D 64 26.09 -0.67 -0.53
CA ASN D 64 26.15 0.73 -0.95
C ASN D 64 27.11 0.91 -2.14
N ASN D 65 28.09 0.02 -2.28
CA ASN D 65 28.97 0.05 -3.45
C ASN D 65 28.34 -0.55 -4.70
N GLY D 66 27.08 -0.96 -4.63
CA GLY D 66 26.46 -1.60 -5.77
C GLY D 66 26.97 -3.00 -6.04
N LEU D 67 27.75 -3.58 -5.15
CA LEU D 67 28.19 -4.97 -5.25
C LEU D 67 27.37 -5.86 -4.32
N TYR D 68 27.54 -7.17 -4.45
CA TYR D 68 26.68 -8.12 -3.77
C TYR D 68 27.38 -8.82 -2.62
N VAL D 69 26.60 -9.12 -1.58
CA VAL D 69 27.09 -9.79 -0.38
C VAL D 69 27.33 -11.27 -0.68
N SER D 70 28.48 -11.78 -0.25
CA SER D 70 28.86 -13.15 -0.54
C SER D 70 29.07 -13.91 0.76
N SER D 71 28.56 -15.14 0.79
CA SER D 71 28.82 -16.02 1.92
C SER D 71 30.27 -16.48 1.99
N GLU D 72 31.00 -16.44 0.88
CA GLU D 72 32.37 -16.96 0.78
C GLU D 72 32.44 -18.43 1.16
N ASN D 73 31.31 -19.13 1.03
CA ASN D 73 31.15 -20.54 1.39
C ASN D 73 31.44 -20.79 2.87
N GLY D 74 31.46 -19.75 3.70
CA GLY D 74 31.80 -19.93 5.09
C GLY D 74 33.25 -20.20 5.36
N GLU D 75 34.12 -20.08 4.35
CA GLU D 75 35.54 -20.37 4.53
C GLU D 75 36.33 -19.17 5.00
N GLN D 76 35.77 -17.97 4.86
CA GLN D 76 36.35 -16.76 5.39
C GLN D 76 35.19 -15.81 5.66
N ALA D 77 35.50 -14.68 6.28
CA ALA D 77 34.44 -13.74 6.64
C ALA D 77 33.73 -13.23 5.39
N MET D 78 32.45 -12.92 5.53
CA MET D 78 31.65 -12.46 4.41
C MET D 78 32.13 -11.12 3.88
N THR D 79 31.90 -10.91 2.58
CA THR D 79 32.39 -9.75 1.86
C THR D 79 31.26 -9.18 1.01
N CYS D 80 31.36 -7.89 0.68
CA CYS D 80 30.46 -7.23 -0.26
C CYS D 80 31.25 -6.77 -1.49
N ASN D 81 31.72 -7.71 -2.31
CA ASN D 81 32.54 -7.31 -3.44
C ASN D 81 32.19 -8.01 -4.75
N ARG D 82 31.05 -8.71 -4.82
CA ARG D 82 30.83 -9.44 -6.07
C ARG D 82 30.03 -8.61 -7.07
N PRO D 83 30.45 -8.60 -8.33
CA PRO D 83 29.70 -7.83 -9.35
C PRO D 83 28.35 -8.43 -9.68
N ALA D 84 28.20 -9.75 -9.64
CA ALA D 84 26.96 -10.40 -10.07
C ALA D 84 26.51 -11.41 -9.03
N ILE D 85 25.22 -11.74 -9.10
CA ILE D 85 24.62 -12.74 -8.23
C ILE D 85 24.94 -14.12 -8.76
CA GLY D 87 26.43 -18.96 -6.13
C GLY D 87 26.46 -18.65 -4.64
N TRP D 88 27.48 -17.92 -4.20
CA TRP D 88 27.60 -17.57 -2.79
C TRP D 88 26.79 -16.35 -2.41
N GLU D 89 26.04 -15.78 -3.35
CA GLU D 89 25.34 -14.52 -3.15
C GLU D 89 23.82 -14.67 -2.97
N VAL D 90 23.31 -15.90 -2.93
CA VAL D 90 21.87 -16.15 -2.81
C VAL D 90 21.59 -16.68 -1.42
N PHE D 91 20.52 -16.16 -0.81
CA PHE D 91 20.18 -16.47 0.57
C PHE D 91 18.69 -16.76 0.69
N ASP D 92 18.34 -17.60 1.65
CA ASP D 92 16.97 -17.75 2.11
C ASP D 92 16.69 -16.71 3.19
N TRP D 93 15.63 -15.93 3.02
CA TRP D 93 15.14 -15.02 4.05
C TRP D 93 14.21 -15.78 4.98
N ILE D 94 14.58 -15.88 6.26
CA ILE D 94 13.85 -16.67 7.23
C ILE D 94 13.26 -15.73 8.28
N SER D 95 11.94 -15.80 8.47
CA SER D 95 11.25 -14.97 9.46
C SER D 95 11.06 -15.76 10.75
N ASN D 96 11.53 -15.19 11.86
CA ASN D 96 11.46 -15.84 13.16
C ASN D 96 10.23 -15.34 13.92
N SER D 97 9.72 -16.19 14.82
CA SER D 97 8.55 -15.83 15.61
C SER D 97 8.84 -14.70 16.59
N ASP D 98 10.12 -14.42 16.87
CA ASP D 98 10.50 -13.28 17.68
C ASP D 98 10.51 -11.97 16.89
N GLY D 99 10.15 -12.00 15.61
CA GLY D 99 10.21 -10.81 14.77
C GLY D 99 11.56 -10.56 14.11
N SER D 100 12.58 -11.35 14.41
CA SER D 100 13.88 -11.18 13.79
C SER D 100 13.97 -11.99 12.50
N VAL D 101 15.04 -11.74 11.73
CA VAL D 101 15.28 -12.37 10.45
C VAL D 101 16.57 -13.19 10.56
N SER D 102 16.60 -14.30 9.85
CA SER D 102 17.83 -15.08 9.67
C SER D 102 18.07 -15.27 8.19
N LEU D 103 19.33 -15.47 7.82
CA LEU D 103 19.72 -15.62 6.42
C LEU D 103 20.48 -16.93 6.26
N ARG D 104 19.97 -17.82 5.40
CA ARG D 104 20.62 -19.08 5.14
C ARG D 104 21.33 -19.00 3.79
N GLY D 105 22.65 -19.18 3.81
CA GLY D 105 23.44 -19.18 2.61
C GLY D 105 23.27 -20.47 1.82
N SER D 106 23.94 -20.50 0.66
CA SER D 106 23.80 -21.61 -0.26
C SER D 106 24.44 -22.90 0.25
N ASN D 107 25.35 -22.80 1.22
CA ASN D 107 25.90 -23.96 1.89
C ASN D 107 25.00 -24.50 2.99
N GLY D 108 23.81 -23.92 3.17
CA GLY D 108 22.87 -24.33 4.20
C GLY D 108 23.20 -23.84 5.59
N MET D 109 24.23 -23.01 5.73
CA MET D 109 24.61 -22.43 7.00
C MET D 109 24.00 -21.04 7.11
N TYR D 110 24.07 -20.48 8.31
CA TYR D 110 23.36 -19.25 8.66
C TYR D 110 24.34 -18.11 8.90
N VAL D 111 23.95 -16.91 8.47
CA VAL D 111 24.78 -15.72 8.64
C VAL D 111 24.80 -15.35 10.12
N SER D 112 25.98 -15.10 10.66
CA SER D 112 26.09 -14.79 12.07
C SER D 112 26.73 -13.42 12.26
N SER D 113 26.18 -12.64 13.19
CA SER D 113 26.78 -11.36 13.57
C SER D 113 28.08 -11.54 14.32
N GLU D 114 28.35 -12.75 14.82
CA GLU D 114 29.50 -13.07 15.65
C GLU D 114 29.59 -12.16 16.88
N ASN D 115 28.45 -11.58 17.28
CA ASN D 115 28.35 -10.66 18.42
C ASN D 115 29.30 -9.48 18.27
N GLY D 116 29.73 -9.15 17.06
CA GLY D 116 30.67 -8.06 16.85
C GLY D 116 32.07 -8.34 17.31
N GLU D 117 32.38 -9.60 17.63
CA GLU D 117 33.69 -9.99 18.12
C GLU D 117 34.65 -10.38 17.01
N GLN D 118 34.13 -10.74 15.84
CA GLN D 118 34.90 -10.92 14.62
C GLN D 118 33.99 -10.54 13.46
N ALA D 119 34.53 -10.53 12.25
CA ALA D 119 33.71 -10.18 11.10
C ALA D 119 32.61 -11.22 10.90
N ILE D 120 31.53 -10.82 10.21
CA ILE D 120 30.39 -11.70 10.08
C ILE D 120 30.73 -12.90 9.19
N THR D 121 30.07 -14.01 9.47
CA THR D 121 30.38 -15.28 8.83
C THR D 121 29.09 -15.94 8.35
N CYS D 122 29.25 -16.98 7.52
CA CYS D 122 28.12 -17.81 7.13
C CYS D 122 28.58 -19.27 7.17
N ASN D 123 28.78 -19.78 8.39
CA ASN D 123 29.20 -21.16 8.61
C ASN D 123 28.51 -21.83 9.79
N ARG D 124 27.59 -21.14 10.51
CA ARG D 124 26.94 -21.76 11.65
C ARG D 124 25.87 -22.75 11.17
N PRO D 125 25.81 -23.95 11.75
CA PRO D 125 24.84 -24.94 11.27
C PRO D 125 23.41 -24.69 11.72
N ALA D 126 23.20 -23.90 12.78
CA ALA D 126 21.88 -23.67 13.32
C ALA D 126 21.68 -22.18 13.59
N ILE D 127 20.41 -21.78 13.70
CA ILE D 127 20.05 -20.43 14.11
C ILE D 127 20.19 -20.37 15.63
N ASP D 128 21.33 -19.90 16.10
CA ASP D 128 21.73 -19.85 17.50
C ASP D 128 21.56 -18.39 17.94
N GLY D 129 22.32 -17.98 18.96
CA GLY D 129 22.06 -16.66 19.54
C GLY D 129 22.49 -15.48 18.70
N TRP D 130 23.43 -15.65 17.78
CA TRP D 130 23.98 -14.53 17.02
C TRP D 130 23.57 -14.56 15.56
N GLU D 131 22.58 -15.37 15.20
CA GLU D 131 22.14 -15.51 13.81
C GLU D 131 20.77 -14.90 13.59
N ARG D 132 20.31 -14.07 14.52
N ARG D 132 20.34 -14.04 14.51
CA ARG D 132 19.03 -13.39 14.42
CA ARG D 132 19.04 -13.38 14.45
C ARG D 132 19.28 -11.89 14.36
C ARG D 132 19.28 -11.88 14.36
N PHE D 133 18.62 -11.23 13.40
CA PHE D 133 18.83 -9.81 13.17
C PHE D 133 17.50 -9.08 13.25
N ASN D 134 17.53 -7.94 13.93
CA ASN D 134 16.43 -6.99 13.77
C ASN D 134 16.64 -6.29 12.44
N TRP D 135 15.55 -6.03 11.72
CA TRP D 135 15.67 -5.41 10.42
C TRP D 135 14.61 -4.33 10.27
N ALA D 136 14.88 -3.40 9.37
CA ALA D 136 13.88 -2.41 9.00
C ALA D 136 14.19 -1.88 7.62
N ALA D 137 13.14 -1.58 6.87
CA ALA D 137 13.33 -0.82 5.64
C ALA D 137 13.61 0.63 5.99
N ALA D 138 14.60 1.20 5.31
CA ALA D 138 15.01 2.57 5.58
C ALA D 138 15.30 3.26 4.26
N THR D 139 15.27 4.58 4.29
CA THR D 139 15.67 5.36 3.13
C THR D 139 16.74 6.36 3.55
N LEU D 140 17.57 6.76 2.57
CA LEU D 140 18.59 7.78 2.82
C LEU D 140 18.03 9.19 2.67
N GLU D 141 17.00 9.37 1.86
CA GLU D 141 16.46 10.67 1.55
C GLU D 141 15.20 10.94 2.38
N HIS D 142 14.64 12.13 2.22
CA HIS D 142 13.41 12.48 2.91
C HIS D 142 12.23 12.45 1.95
#